data_5Z8N
#
_entry.id   5Z8N
#
_cell.length_a   73.464
_cell.length_b   75.696
_cell.length_c   80.357
_cell.angle_alpha   90.00
_cell.angle_beta   115.41
_cell.angle_gamma   90.00
#
_symmetry.space_group_name_H-M   'P 1 21 1'
#
loop_
_entity.id
_entity.type
_entity.pdbx_description
1 polymer 'Chromatin remodeling protein EBS'
2 polymer 'H3K4me2 peptide'
3 non-polymer 'ZINC ION'
#
loop_
_entity_poly.entity_id
_entity_poly.type
_entity_poly.pdbx_seq_one_letter_code
_entity_poly.pdbx_strand_id
1 'polypeptide(L)'
;MAKTRPGVASKIKTGRKELDSYTIKGTNKVVRAGDCVLMRPSDAGKPPYVARVEKIEADARNNVKVHCRWYYRPEESLGG
RRQFHGAKELFLSDHFDVQSAHTIEGKCIVHTFKNYTRLENVGAEDYYCRFEYKAATGAFTPDRVAVYCKCEMPYNPDDL
MVQCEGCKDWYHPACVGMTIEEAKKLDHFVCAECSSDDD
;
A,B,C
2 'polypeptide(L)' ART(MLY)QTARKSTGGKA P,Q,R
#
# COMPACT_ATOMS: atom_id res chain seq x y z
N GLY A 15 -11.79 13.81 40.75
CA GLY A 15 -12.50 12.87 39.91
C GLY A 15 -11.65 12.40 38.74
N ARG A 16 -12.29 11.80 37.74
CA ARG A 16 -11.57 11.30 36.57
C ARG A 16 -12.35 11.54 35.27
N LYS A 17 -11.70 12.08 34.24
CA LYS A 17 -12.28 12.00 32.89
C LYS A 17 -11.94 10.67 32.26
N GLU A 18 -12.76 10.23 31.32
CA GLU A 18 -12.49 9.03 30.55
C GLU A 18 -11.95 9.42 29.17
N LEU A 19 -10.82 8.83 28.79
CA LEU A 19 -10.12 9.24 27.57
C LEU A 19 -10.31 8.26 26.42
N ASP A 20 -10.55 8.77 25.22
CA ASP A 20 -10.76 7.92 24.06
C ASP A 20 -9.46 7.29 23.58
N SER A 21 -8.37 8.05 23.63
CA SER A 21 -7.10 7.59 23.06
C SER A 21 -5.88 8.03 23.85
N TYR A 22 -4.84 7.20 23.83
CA TYR A 22 -3.56 7.53 24.38
C TYR A 22 -2.50 7.31 23.34
N THR A 23 -1.55 8.23 23.26
CA THR A 23 -0.45 8.12 22.33
C THR A 23 0.79 7.91 23.15
N ILE A 24 1.50 6.84 22.87
CA ILE A 24 2.58 6.45 23.74
C ILE A 24 3.88 7.03 23.28
N LYS A 25 4.43 7.92 24.09
CA LYS A 25 5.79 8.37 23.92
C LYS A 25 6.07 8.86 22.51
N GLY A 26 5.10 9.55 21.93
CA GLY A 26 5.29 10.23 20.67
C GLY A 26 5.82 9.23 19.69
N THR A 27 5.32 8.01 19.84
CA THR A 27 5.91 6.90 19.16
C THR A 27 5.11 6.52 17.95
N ASN A 28 4.14 7.33 17.57
CA ASN A 28 3.37 7.01 16.37
C ASN A 28 2.46 5.84 16.68
N LYS A 29 2.25 5.57 17.96
CA LYS A 29 1.41 4.46 18.34
C LYS A 29 0.24 4.95 19.14
N VAL A 30 -0.97 4.59 18.72
CA VAL A 30 -2.16 5.06 19.43
C VAL A 30 -2.91 3.90 20.06
N VAL A 31 -3.14 4.02 21.37
CA VAL A 31 -3.80 3.02 22.17
C VAL A 31 -5.25 3.42 22.45
N ARG A 32 -6.17 2.54 22.09
CA ARG A 32 -7.59 2.76 22.38
C ARG A 32 -8.16 1.54 23.08
N ALA A 33 -9.27 1.71 23.78
CA ALA A 33 -9.88 0.62 24.53
C ALA A 33 -10.19 -0.57 23.63
N GLY A 34 -9.85 -1.77 24.10
CA GLY A 34 -10.04 -2.97 23.31
C GLY A 34 -8.74 -3.45 22.71
N ASP A 35 -7.77 -2.54 22.60
CA ASP A 35 -6.45 -2.88 22.09
C ASP A 35 -5.69 -3.73 23.10
N CYS A 36 -4.70 -4.47 22.60
CA CYS A 36 -3.82 -5.25 23.46
C CYS A 36 -2.45 -4.59 23.52
N VAL A 37 -1.89 -4.50 24.71
CA VAL A 37 -0.62 -3.82 24.92
C VAL A 37 0.31 -4.60 25.79
N LEU A 38 1.59 -4.24 25.76
CA LEU A 38 2.63 -4.87 26.54
C LEU A 38 3.04 -3.98 27.68
N MET A 39 3.29 -4.55 28.85
CA MET A 39 3.67 -3.76 30.00
C MET A 39 5.00 -4.15 30.61
N ARG A 40 5.85 -3.18 30.88
CA ARG A 40 7.12 -3.48 31.50
C ARG A 40 6.84 -4.08 32.86
N PRO A 41 7.44 -5.22 33.13
CA PRO A 41 7.50 -5.73 34.49
C PRO A 41 8.51 -4.88 35.22
N SER A 42 8.39 -4.76 36.54
CA SER A 42 9.42 -4.04 37.27
C SER A 42 10.76 -4.78 37.17
N ASP A 43 10.71 -6.11 37.27
CA ASP A 43 11.89 -6.97 37.19
C ASP A 43 12.45 -7.12 35.78
N ALA A 44 13.76 -7.05 35.66
CA ALA A 44 14.43 -7.05 34.37
C ALA A 44 14.26 -8.31 33.52
N GLY A 45 14.28 -9.48 34.15
CA GLY A 45 14.25 -10.72 33.40
C GLY A 45 13.02 -11.03 32.59
N LYS A 46 11.86 -10.74 33.15
CA LYS A 46 10.60 -11.21 32.61
C LYS A 46 10.32 -10.65 31.24
N PRO A 47 9.68 -11.43 30.38
CA PRO A 47 9.18 -10.92 29.09
C PRO A 47 8.00 -10.00 29.41
N PRO A 48 7.63 -9.06 28.57
CA PRO A 48 6.58 -8.10 28.93
C PRO A 48 5.20 -8.72 29.22
N TYR A 49 4.43 -8.16 30.15
CA TYR A 49 3.07 -8.65 30.39
C TYR A 49 2.22 -8.25 29.20
N VAL A 50 1.17 -9.03 28.93
CA VAL A 50 0.25 -8.68 27.85
C VAL A 50 -1.16 -8.46 28.39
N ALA A 51 -1.67 -7.24 28.26
CA ALA A 51 -2.98 -6.91 28.79
C ALA A 51 -3.89 -6.35 27.71
N ARG A 52 -5.20 -6.51 27.89
CA ARG A 52 -6.18 -5.83 27.05
C ARG A 52 -6.66 -4.58 27.76
N VAL A 53 -6.53 -3.45 27.09
CA VAL A 53 -7.03 -2.18 27.60
C VAL A 53 -8.55 -2.18 27.49
N GLU A 54 -9.21 -1.77 28.57
CA GLU A 54 -10.66 -1.75 28.62
C GLU A 54 -11.18 -0.33 28.81
N LYS A 55 -10.36 0.50 29.45
CA LYS A 55 -10.75 1.86 29.78
C LYS A 55 -9.52 2.75 29.96
N ILE A 56 -9.54 3.91 29.31
CA ILE A 56 -8.49 4.91 29.52
C ILE A 56 -9.09 6.12 30.23
N GLU A 57 -8.45 6.57 31.30
CA GLU A 57 -8.94 7.72 32.03
C GLU A 57 -7.83 8.53 32.68
N ALA A 58 -8.00 9.85 32.69
CA ALA A 58 -7.02 10.75 33.28
C ALA A 58 -7.37 11.04 34.74
N ASP A 59 -6.33 11.05 35.58
CA ASP A 59 -6.49 11.33 37.01
C ASP A 59 -6.80 12.82 37.23
N ALA A 60 -7.19 13.16 38.46
CA ALA A 60 -7.43 14.56 38.84
C ALA A 60 -6.27 15.47 38.44
N ARG A 61 -5.05 15.04 38.76
CA ARG A 61 -3.86 15.80 38.43
C ARG A 61 -3.44 15.57 36.97
N ASN A 62 -4.33 14.93 36.22
CA ASN A 62 -4.21 14.75 34.77
C ASN A 62 -3.07 13.83 34.34
N ASN A 63 -2.66 12.90 35.20
CA ASN A 63 -1.80 11.81 34.73
C ASN A 63 -2.66 10.58 34.45
N VAL A 64 -2.41 9.99 33.30
CA VAL A 64 -3.26 8.94 32.74
C VAL A 64 -3.12 7.58 33.42
N LYS A 65 -4.24 6.87 33.51
CA LYS A 65 -4.24 5.49 34.00
C LYS A 65 -5.12 4.62 33.10
N VAL A 66 -4.88 3.32 33.13
CA VAL A 66 -5.58 2.37 32.27
C VAL A 66 -6.19 1.22 33.08
N HIS A 67 -7.38 0.80 32.68
CA HIS A 67 -8.02 -0.37 33.26
C HIS A 67 -7.71 -1.58 32.39
N CYS A 68 -7.18 -2.62 33.04
CA CYS A 68 -6.56 -3.73 32.33
C CYS A 68 -7.22 -5.07 32.61
N ARG A 69 -7.34 -5.87 31.56
CA ARG A 69 -7.64 -7.29 31.73
C ARG A 69 -6.39 -8.05 31.36
N TRP A 70 -6.01 -9.05 32.14
CA TRP A 70 -4.74 -9.71 31.88
C TRP A 70 -4.87 -10.94 31.00
N TYR A 71 -3.92 -11.10 30.09
CA TYR A 71 -3.72 -12.38 29.43
C TYR A 71 -2.69 -13.13 30.24
N TYR A 72 -2.96 -14.39 30.52
CA TYR A 72 -2.03 -15.20 31.29
C TYR A 72 -1.17 -16.08 30.38
N ARG A 73 0.11 -16.16 30.69
CA ARG A 73 0.98 -17.12 30.04
C ARG A 73 0.66 -18.47 30.66
N PRO A 74 0.86 -19.57 29.90
CA PRO A 74 0.57 -20.91 30.41
C PRO A 74 1.29 -21.26 31.71
N GLU A 75 2.34 -20.52 32.04
CA GLU A 75 3.14 -20.82 33.22
C GLU A 75 2.47 -20.26 34.46
N GLU A 76 2.03 -19.01 34.37
CA GLU A 76 1.20 -18.38 35.39
C GLU A 76 -0.04 -19.23 35.65
N SER A 77 -0.51 -19.92 34.61
CA SER A 77 -1.75 -20.67 34.68
C SER A 77 -1.61 -21.99 35.45
N LEU A 78 -2.77 -22.54 35.80
CA LEU A 78 -2.89 -23.75 36.62
C LEU A 78 -2.00 -24.90 36.16
N GLY A 79 -2.20 -25.36 34.93
CA GLY A 79 -1.54 -26.55 34.45
C GLY A 79 -0.06 -26.42 34.15
N GLY A 80 0.39 -25.20 33.89
CA GLY A 80 1.76 -24.99 33.41
C GLY A 80 1.77 -25.19 31.91
N ARG A 81 2.90 -24.91 31.26
CA ARG A 81 3.01 -25.14 29.83
C ARG A 81 2.79 -26.61 29.52
N ARG A 82 1.85 -26.89 28.62
CA ARG A 82 1.62 -28.27 28.19
C ARG A 82 2.10 -28.47 26.76
N GLN A 83 2.11 -29.74 26.35
CA GLN A 83 2.58 -30.18 25.04
C GLN A 83 1.99 -29.38 23.88
N PHE A 84 0.69 -29.11 23.94
CA PHE A 84 -0.02 -28.47 22.84
C PHE A 84 -0.06 -26.96 22.96
N HIS A 85 0.34 -26.43 24.11
CA HIS A 85 0.44 -24.98 24.29
C HIS A 85 1.55 -24.43 23.40
N GLY A 86 1.18 -23.62 22.43
CA GLY A 86 2.12 -22.96 21.55
C GLY A 86 2.93 -21.90 22.28
N ALA A 87 4.03 -21.46 21.66
CA ALA A 87 4.90 -20.46 22.26
C ALA A 87 4.14 -19.18 22.57
N LYS A 88 3.22 -18.81 21.70
CA LYS A 88 2.48 -17.56 21.86
C LYS A 88 1.04 -17.80 22.34
N GLU A 89 0.82 -18.92 23.02
CA GLU A 89 -0.47 -19.18 23.66
C GLU A 89 -0.72 -18.21 24.79
N LEU A 90 -1.92 -17.64 24.83
CA LEU A 90 -2.35 -16.85 25.97
C LEU A 90 -3.75 -17.26 26.39
N PHE A 91 -4.08 -17.01 27.64
CA PHE A 91 -5.43 -17.21 28.15
C PHE A 91 -6.00 -15.89 28.61
N LEU A 92 -7.16 -15.52 28.09
CA LEU A 92 -7.84 -14.35 28.62
C LEU A 92 -8.24 -14.67 30.05
N SER A 93 -7.83 -13.82 30.97
CA SER A 93 -8.18 -14.03 32.35
C SER A 93 -9.47 -13.37 32.78
N ASP A 94 -9.73 -13.41 34.08
CA ASP A 94 -10.81 -12.65 34.69
C ASP A 94 -10.20 -11.74 35.76
N HIS A 95 -8.87 -11.77 35.86
CA HIS A 95 -8.06 -10.85 36.70
C HIS A 95 -8.24 -9.44 36.14
N PHE A 96 -8.75 -8.48 36.91
CA PHE A 96 -8.61 -7.11 36.39
C PHE A 96 -7.62 -6.30 37.22
N ASP A 97 -7.12 -5.21 36.63
CA ASP A 97 -6.19 -4.32 37.34
C ASP A 97 -6.28 -2.88 36.83
N VAL A 98 -5.54 -1.98 37.48
CA VAL A 98 -5.43 -0.59 37.03
C VAL A 98 -3.96 -0.15 37.10
N GLN A 99 -3.43 0.35 36.00
CA GLN A 99 -1.99 0.67 35.93
C GLN A 99 -1.72 2.04 35.31
N SER A 100 -0.59 2.65 35.67
CA SER A 100 -0.16 3.87 35.01
C SER A 100 0.05 3.57 33.52
N ALA A 101 -0.27 4.52 32.66
CA ALA A 101 -0.17 4.30 31.22
C ALA A 101 1.26 4.50 30.72
N HIS A 102 2.12 5.01 31.60
CA HIS A 102 3.54 5.09 31.29
C HIS A 102 4.15 3.69 31.31
N THR A 103 3.42 2.75 31.89
CA THR A 103 3.83 1.36 31.96
C THR A 103 3.74 0.69 30.58
N ILE A 104 3.03 1.30 29.64
CA ILE A 104 2.82 0.70 28.32
C ILE A 104 4.05 0.87 27.42
N GLU A 105 4.46 -0.18 26.69
CA GLU A 105 5.67 -0.07 25.83
C GLU A 105 5.39 0.04 24.36
N GLY A 106 4.38 -0.70 23.93
CA GLY A 106 4.06 -0.80 22.51
C GLY A 106 2.79 -1.59 22.46
N LYS A 107 2.11 -1.52 21.32
CA LYS A 107 0.90 -2.29 21.16
C LYS A 107 1.29 -3.63 20.57
N CYS A 108 0.53 -4.67 20.92
CA CYS A 108 0.72 -5.98 20.35
C CYS A 108 -0.62 -6.51 19.87
N ILE A 109 -0.60 -7.60 19.12
CA ILE A 109 -1.83 -8.19 18.62
C ILE A 109 -2.03 -9.56 19.24
N VAL A 110 -3.26 -9.83 19.68
CA VAL A 110 -3.59 -11.17 20.20
C VAL A 110 -4.72 -11.74 19.36
N HIS A 111 -4.35 -12.58 18.39
CA HIS A 111 -5.32 -13.09 17.43
C HIS A 111 -6.16 -14.21 17.99
N THR A 112 -7.28 -14.47 17.31
CA THR A 112 -7.99 -15.71 17.47
C THR A 112 -7.07 -16.80 16.93
N PHE A 113 -7.31 -18.04 17.35
CA PHE A 113 -6.50 -19.18 16.93
C PHE A 113 -6.37 -19.28 15.41
N LYS A 114 -7.51 -19.13 14.74
CA LYS A 114 -7.59 -19.31 13.29
C LYS A 114 -6.84 -18.21 12.55
N ASN A 115 -7.03 -16.97 12.98
CA ASN A 115 -6.32 -15.84 12.36
C ASN A 115 -4.83 -15.90 12.66
N TYR A 116 -4.47 -16.55 13.76
CA TYR A 116 -3.06 -16.80 14.06
C TYR A 116 -2.48 -17.79 13.06
N THR A 117 -3.18 -18.90 12.85
CA THR A 117 -2.76 -19.91 11.90
C THR A 117 -2.64 -19.35 10.48
N ARG A 118 -3.40 -18.29 10.20
CA ARG A 118 -3.41 -17.67 8.87
C ARG A 118 -2.23 -16.73 8.63
N LEU A 119 -1.55 -16.35 9.71
CA LEU A 119 -0.40 -15.43 9.63
C LEU A 119 0.60 -15.85 8.55
N GLU A 120 1.05 -14.89 7.76
CA GLU A 120 2.09 -15.17 6.77
C GLU A 120 3.39 -15.54 7.50
N ASN A 121 3.73 -14.76 8.52
CA ASN A 121 4.75 -15.18 9.49
C ASN A 121 4.61 -14.41 10.80
N VAL A 122 5.02 -15.05 11.89
CA VAL A 122 4.82 -14.55 13.24
C VAL A 122 5.94 -13.62 13.71
N GLY A 123 5.56 -12.47 14.26
CA GLY A 123 6.51 -11.57 14.89
C GLY A 123 6.31 -11.55 16.39
N ALA A 124 7.19 -10.85 17.11
CA ALA A 124 7.04 -10.68 18.56
C ALA A 124 5.69 -10.02 18.87
N GLU A 125 5.27 -9.17 17.95
CA GLU A 125 3.97 -8.50 17.98
C GLU A 125 2.83 -9.50 18.18
N ASP A 126 2.92 -10.61 17.46
CA ASP A 126 1.78 -11.52 17.30
C ASP A 126 1.65 -12.55 18.42
N TYR A 127 0.42 -12.71 18.88
CA TYR A 127 0.05 -13.64 19.93
C TYR A 127 -1.23 -14.33 19.50
N TYR A 128 -1.70 -15.30 20.29
CA TYR A 128 -3.01 -15.88 20.03
C TYR A 128 -3.63 -16.46 21.27
N CYS A 129 -4.95 -16.61 21.24
CA CYS A 129 -5.66 -17.16 22.38
C CYS A 129 -6.83 -18.04 21.96
N ARG A 130 -6.97 -19.19 22.60
CA ARG A 130 -8.09 -20.08 22.35
C ARG A 130 -8.79 -20.50 23.63
N PHE A 131 -8.40 -19.90 24.75
CA PHE A 131 -9.03 -20.22 26.03
C PHE A 131 -9.23 -19.01 26.93
N GLU A 132 -10.39 -18.94 27.56
CA GLU A 132 -10.61 -18.08 28.71
C GLU A 132 -10.26 -18.88 29.95
N TYR A 133 -9.52 -18.27 30.88
CA TYR A 133 -9.05 -18.98 32.06
C TYR A 133 -9.44 -18.27 33.35
N LYS A 134 -10.33 -18.90 34.11
CA LYS A 134 -10.72 -18.42 35.42
C LYS A 134 -9.61 -18.75 36.42
N ALA A 135 -9.05 -17.69 37.02
CA ALA A 135 -7.84 -17.78 37.83
C ALA A 135 -8.05 -18.33 39.24
N ALA A 136 -9.16 -17.97 39.88
CA ALA A 136 -9.43 -18.45 41.23
C ALA A 136 -9.82 -19.93 41.23
N THR A 137 -10.70 -20.33 40.32
CA THR A 137 -11.11 -21.72 40.24
C THR A 137 -10.09 -22.54 39.46
N GLY A 138 -9.33 -21.87 38.61
CA GLY A 138 -8.35 -22.54 37.77
C GLY A 138 -9.01 -23.18 36.56
N ALA A 139 -10.20 -22.70 36.20
CA ALA A 139 -11.01 -23.37 35.18
C ALA A 139 -10.73 -22.87 33.77
N PHE A 140 -10.98 -23.73 32.78
CA PHE A 140 -10.77 -23.37 31.40
C PHE A 140 -12.04 -23.47 30.57
N THR A 141 -12.30 -22.44 29.77
CA THR A 141 -13.41 -22.44 28.82
C THR A 141 -12.86 -22.14 27.44
N PRO A 142 -13.22 -22.97 26.43
CA PRO A 142 -14.08 -24.16 26.46
C PRO A 142 -13.44 -25.35 27.17
N ASP A 143 -14.22 -26.40 27.40
CA ASP A 143 -13.74 -27.57 28.12
C ASP A 143 -13.17 -28.61 27.16
N ARG A 144 -13.64 -28.57 25.92
CA ARG A 144 -13.23 -29.55 24.91
C ARG A 144 -12.21 -28.95 23.94
N VAL A 145 -11.21 -29.77 23.58
CA VAL A 145 -10.26 -29.42 22.54
C VAL A 145 -10.40 -30.41 21.38
N ALA A 146 -10.10 -29.97 20.17
CA ALA A 146 -10.06 -30.88 19.03
C ALA A 146 -8.70 -31.55 18.96
N VAL A 147 -8.68 -32.84 18.63
CA VAL A 147 -7.42 -33.60 18.62
C VAL A 147 -7.09 -34.13 17.22
N TYR A 148 -5.80 -34.26 16.93
CA TYR A 148 -5.36 -34.73 15.63
C TYR A 148 -4.31 -35.82 15.72
N CYS A 149 -3.93 -36.33 14.55
CA CYS A 149 -3.00 -37.46 14.42
C CYS A 149 -3.57 -38.66 15.16
N LYS A 150 -2.76 -39.72 15.26
CA LYS A 150 -3.19 -40.87 16.04
C LYS A 150 -2.46 -40.89 17.36
N CYS A 151 -1.66 -39.85 17.59
CA CYS A 151 -1.18 -39.54 18.93
C CYS A 151 -2.32 -38.89 19.69
N GLU A 152 -3.32 -38.42 18.92
CA GLU A 152 -4.59 -37.92 19.43
C GLU A 152 -4.43 -36.72 20.37
N MET A 153 -3.42 -35.90 20.10
CA MET A 153 -3.18 -34.70 20.89
C MET A 153 -3.81 -33.47 20.25
N PRO A 154 -4.09 -32.44 21.06
CA PRO A 154 -4.54 -31.14 20.53
C PRO A 154 -3.46 -30.51 19.66
N TYR A 155 -3.87 -29.70 18.69
CA TYR A 155 -2.93 -29.08 17.76
C TYR A 155 -2.07 -28.00 18.42
N ASN A 156 -0.77 -28.05 18.17
CA ASN A 156 0.16 -26.99 18.56
C ASN A 156 0.69 -26.35 17.27
N PRO A 157 0.35 -25.08 17.04
CA PRO A 157 0.68 -24.36 15.81
C PRO A 157 2.18 -24.34 15.50
N ASP A 158 3.01 -24.37 16.54
CA ASP A 158 4.45 -24.47 16.37
C ASP A 158 4.81 -25.74 15.59
N ASP A 159 4.18 -26.85 15.97
CA ASP A 159 4.44 -28.15 15.37
C ASP A 159 4.00 -28.22 13.91
N LEU A 160 4.83 -28.83 13.07
CA LEU A 160 4.45 -29.09 11.68
C LEU A 160 3.57 -30.32 11.59
N MET A 161 2.50 -30.22 10.79
CA MET A 161 1.60 -31.34 10.57
C MET A 161 1.33 -31.49 9.07
N VAL A 162 1.09 -32.72 8.63
CA VAL A 162 0.75 -32.97 7.23
C VAL A 162 -0.60 -33.67 7.15
N GLN A 163 -1.29 -33.52 6.01
CA GLN A 163 -2.64 -34.04 5.88
C GLN A 163 -2.75 -35.11 4.79
N CYS A 164 -3.16 -36.31 5.20
CA CYS A 164 -3.50 -37.37 4.26
C CYS A 164 -4.58 -36.86 3.31
N GLU A 165 -4.68 -37.42 2.12
CA GLU A 165 -5.65 -36.95 1.16
C GLU A 165 -6.86 -37.88 1.13
N GLY A 166 -6.75 -38.99 1.86
CA GLY A 166 -7.86 -39.92 2.02
C GLY A 166 -8.68 -39.62 3.25
N CYS A 167 -8.10 -39.83 4.42
CA CYS A 167 -8.76 -39.50 5.69
C CYS A 167 -8.92 -37.99 5.80
N LYS A 168 -8.00 -37.28 5.16
CA LYS A 168 -7.84 -35.84 5.32
C LYS A 168 -7.76 -35.47 6.80
N ASP A 169 -7.16 -36.38 7.57
CA ASP A 169 -6.74 -36.14 8.93
C ASP A 169 -5.31 -35.62 8.89
N TRP A 170 -4.86 -35.00 9.97
CA TRP A 170 -3.54 -34.39 10.01
C TRP A 170 -2.60 -35.19 10.90
N TYR A 171 -1.34 -35.31 10.49
CA TYR A 171 -0.39 -36.15 11.23
C TYR A 171 0.93 -35.43 11.49
N HIS A 172 1.56 -35.75 12.61
CA HIS A 172 2.93 -35.35 12.85
C HIS A 172 3.83 -36.28 12.06
N PRO A 173 4.85 -35.73 11.39
CA PRO A 173 5.77 -36.52 10.57
C PRO A 173 6.39 -37.67 11.37
N ALA A 174 6.90 -37.34 12.55
CA ALA A 174 7.53 -38.34 13.42
C ALA A 174 6.54 -39.41 13.85
N CYS A 175 5.30 -39.00 14.09
CA CYS A 175 4.25 -39.92 14.52
C CYS A 175 3.94 -40.97 13.45
N VAL A 176 4.21 -40.63 12.19
CA VAL A 176 4.04 -41.58 11.11
C VAL A 176 5.40 -42.03 10.55
N GLY A 177 6.47 -41.70 11.29
CA GLY A 177 7.78 -42.29 11.02
C GLY A 177 8.66 -41.61 9.98
N MET A 178 8.48 -40.31 9.79
CA MET A 178 9.36 -39.51 8.94
C MET A 178 9.77 -38.27 9.71
N THR A 179 11.00 -37.79 9.58
CA THR A 179 11.30 -36.55 10.29
C THR A 179 10.86 -35.39 9.41
N ILE A 180 11.01 -34.17 9.92
CA ILE A 180 10.33 -33.00 9.37
C ILE A 180 10.68 -32.65 7.92
N GLU A 181 11.94 -32.82 7.53
CA GLU A 181 12.39 -32.32 6.25
C GLU A 181 12.13 -33.26 5.06
N GLU A 182 11.83 -34.53 5.30
CA GLU A 182 11.28 -35.32 4.19
C GLU A 182 9.81 -34.94 4.07
N ALA A 183 9.17 -34.69 5.20
CA ALA A 183 7.78 -34.26 5.22
C ALA A 183 7.61 -33.01 4.37
N LYS A 184 8.56 -32.09 4.46
CA LYS A 184 8.57 -30.91 3.58
C LYS A 184 8.68 -31.27 2.10
N LYS A 185 9.26 -32.44 1.81
CA LYS A 185 9.49 -32.85 0.42
C LYS A 185 8.26 -33.48 -0.22
N LEU A 186 7.42 -34.11 0.60
CA LEU A 186 6.23 -34.82 0.11
C LEU A 186 5.34 -33.96 -0.78
N ASP A 187 5.16 -34.39 -2.03
CA ASP A 187 4.23 -33.71 -2.93
C ASP A 187 2.82 -34.20 -2.64
N HIS A 188 2.70 -35.51 -2.40
CA HIS A 188 1.44 -36.15 -2.08
C HIS A 188 1.61 -37.02 -0.85
N PHE A 189 0.63 -36.98 0.05
CA PHE A 189 0.70 -37.82 1.24
C PHE A 189 -0.58 -38.60 1.50
N VAL A 190 -0.45 -39.91 1.64
CA VAL A 190 -1.55 -40.77 2.07
C VAL A 190 -1.11 -41.57 3.28
N CYS A 191 -1.92 -41.54 4.34
CA CYS A 191 -1.59 -42.28 5.56
C CYS A 191 -1.58 -43.78 5.27
N ALA A 192 -0.77 -44.52 6.02
CA ALA A 192 -0.67 -45.96 5.83
C ALA A 192 -1.98 -46.67 6.13
N GLU A 193 -2.78 -46.06 7.00
CA GLU A 193 -4.05 -46.63 7.42
C GLU A 193 -5.08 -46.61 6.28
N CYS A 194 -4.82 -45.76 5.27
CA CYS A 194 -5.66 -45.67 4.09
C CYS A 194 -5.33 -46.75 3.06
N SER A 195 -4.13 -47.31 3.14
CA SER A 195 -3.68 -48.29 2.16
C SER A 195 -3.74 -49.71 2.70
N SER A 196 -4.84 -50.10 3.33
CA SER A 196 -4.85 -51.36 4.07
C SER A 196 -6.21 -52.06 4.18
N ASP A 197 -6.15 -53.30 4.66
CA ASP A 197 -7.32 -54.16 4.90
C ASP A 197 -8.31 -54.15 3.74
N ALA B 1 2.59 -32.56 0.89
CA ALA B 1 1.15 -32.32 0.87
C ALA B 1 0.83 -30.97 1.50
N ARG B 2 -0.42 -30.80 1.92
CA ARG B 2 -0.78 -29.61 2.67
C ARG B 2 -0.20 -29.71 4.07
N THR B 3 0.49 -28.67 4.51
CA THR B 3 1.11 -28.65 5.83
C THR B 3 0.60 -27.50 6.68
N GLN B 5 1.42 -24.53 9.32
CA GLN B 5 2.16 -23.55 10.13
C GLN B 5 1.62 -22.13 9.91
N ARG C 16 -38.01 6.28 10.46
CA ARG C 16 -37.06 5.48 9.68
C ARG C 16 -36.88 6.04 8.27
N LYS C 17 -35.70 6.62 8.02
CA LYS C 17 -35.43 7.30 6.76
C LYS C 17 -34.19 6.75 6.06
N GLU C 18 -34.07 7.07 4.77
CA GLU C 18 -32.84 6.82 4.02
C GLU C 18 -32.19 8.16 3.69
N LEU C 19 -30.85 8.19 3.74
CA LEU C 19 -30.12 9.44 3.60
C LEU C 19 -29.20 9.46 2.38
N ASP C 20 -29.00 10.64 1.82
CA ASP C 20 -28.11 10.80 0.68
C ASP C 20 -26.65 10.60 1.08
N SER C 21 -26.29 11.05 2.27
CA SER C 21 -24.89 11.07 2.66
C SER C 21 -24.65 10.99 4.16
N TYR C 22 -23.42 10.67 4.53
CA TYR C 22 -22.98 10.67 5.91
C TYR C 22 -21.55 11.19 6.03
N THR C 23 -21.30 12.00 7.05
CA THR C 23 -19.97 12.53 7.32
C THR C 23 -19.41 11.91 8.58
N ILE C 24 -18.26 11.25 8.45
CA ILE C 24 -17.57 10.67 9.61
C ILE C 24 -17.31 11.77 10.62
N LYS C 25 -17.48 11.46 11.91
CA LYS C 25 -17.39 12.46 12.97
C LYS C 25 -16.03 13.17 12.92
N GLY C 26 -16.06 14.48 13.12
CA GLY C 26 -14.85 15.29 13.11
C GLY C 26 -13.98 15.13 11.87
N THR C 27 -14.63 14.99 10.72
CA THR C 27 -13.91 14.88 9.45
C THR C 27 -14.55 15.79 8.40
N ASN C 28 -13.89 15.89 7.24
CA ASN C 28 -14.43 16.64 6.11
C ASN C 28 -14.90 15.71 5.01
N LYS C 29 -14.97 14.42 5.30
CA LYS C 29 -15.22 13.42 4.26
C LYS C 29 -16.63 12.85 4.30
N VAL C 30 -17.25 12.80 3.12
CA VAL C 30 -18.65 12.44 2.98
C VAL C 30 -18.80 11.05 2.37
N VAL C 31 -19.74 10.27 2.90
CA VAL C 31 -19.96 8.91 2.42
C VAL C 31 -21.34 8.77 1.77
N ARG C 32 -21.35 8.37 0.51
CA ARG C 32 -22.60 8.05 -0.18
C ARG C 32 -22.64 6.56 -0.47
N ALA C 33 -23.80 6.04 -0.83
CA ALA C 33 -23.91 4.65 -1.26
C ALA C 33 -23.12 4.45 -2.54
N GLY C 34 -22.39 3.35 -2.63
CA GLY C 34 -21.51 3.11 -3.76
C GLY C 34 -20.06 3.40 -3.39
N ASP C 35 -19.87 4.08 -2.28
CA ASP C 35 -18.54 4.39 -1.77
C ASP C 35 -18.02 3.23 -0.94
N CYS C 36 -16.70 3.15 -0.79
CA CYS C 36 -16.10 2.08 -0.01
C CYS C 36 -15.45 2.64 1.26
N VAL C 37 -15.73 1.98 2.38
CA VAL C 37 -15.30 2.45 3.69
C VAL C 37 -14.51 1.39 4.46
N LEU C 38 -13.74 1.85 5.43
CA LEU C 38 -13.07 0.96 6.38
C LEU C 38 -13.74 1.11 7.74
N MET C 39 -13.87 -0.01 8.43
CA MET C 39 -14.56 -0.04 9.67
C MET C 39 -13.83 -0.85 10.71
N ARG C 40 -13.86 -0.36 11.94
CA ARG C 40 -13.16 -0.99 13.02
C ARG C 40 -13.71 -2.34 13.32
N PRO C 41 -12.82 -3.30 13.55
CA PRO C 41 -13.24 -4.67 13.88
C PRO C 41 -13.81 -4.75 15.29
N SER C 42 -14.71 -5.71 15.54
CA SER C 42 -15.31 -5.84 16.85
C SER C 42 -14.20 -5.98 17.87
N ASP C 43 -13.15 -6.70 17.51
CA ASP C 43 -11.98 -6.86 18.35
C ASP C 43 -10.77 -6.29 17.63
N ALA C 44 -9.94 -5.54 18.33
CA ALA C 44 -8.86 -4.80 17.69
C ALA C 44 -7.70 -5.64 17.18
N GLY C 45 -6.98 -5.09 16.22
CA GLY C 45 -5.83 -5.72 15.61
C GLY C 45 -6.09 -6.45 14.32
N LYS C 46 -7.34 -6.75 14.03
CA LYS C 46 -7.75 -7.13 12.71
C LYS C 46 -7.73 -5.86 11.91
N PRO C 47 -7.22 -5.89 10.69
CA PRO C 47 -7.15 -4.66 9.88
C PRO C 47 -8.56 -4.12 9.65
N PRO C 48 -8.78 -2.83 9.40
CA PRO C 48 -10.19 -2.43 9.32
C PRO C 48 -10.92 -3.13 8.18
N TYR C 49 -12.06 -3.71 8.50
CA TYR C 49 -12.91 -4.35 7.51
C TYR C 49 -13.22 -3.37 6.39
N VAL C 50 -13.19 -3.85 5.14
CA VAL C 50 -13.51 -2.99 4.02
C VAL C 50 -14.89 -3.35 3.46
N ALA C 51 -15.76 -2.35 3.37
CA ALA C 51 -17.13 -2.60 2.91
C ALA C 51 -17.56 -1.62 1.85
N ARG C 52 -18.53 -2.05 1.04
CA ARG C 52 -19.20 -1.17 0.11
C ARG C 52 -20.54 -0.76 0.69
N VAL C 53 -20.80 0.54 0.72
CA VAL C 53 -22.05 1.05 1.27
C VAL C 53 -23.18 0.88 0.26
N GLU C 54 -24.13 0.01 0.58
CA GLU C 54 -25.29 -0.21 -0.26
C GLU C 54 -26.36 0.85 0.01
N LYS C 55 -26.49 1.22 1.28
CA LYS C 55 -27.61 2.03 1.73
C LYS C 55 -27.29 2.74 3.04
N ILE C 56 -27.54 4.05 3.09
CA ILE C 56 -27.48 4.78 4.34
C ILE C 56 -28.88 5.08 4.84
N GLU C 57 -29.23 4.49 5.98
CA GLU C 57 -30.59 4.59 6.49
C GLU C 57 -30.58 5.12 7.93
N ALA C 58 -31.58 5.90 8.28
CA ALA C 58 -31.57 6.56 9.56
C ALA C 58 -32.63 6.05 10.49
N ASP C 59 -32.25 5.92 11.74
CA ASP C 59 -33.12 5.42 12.79
C ASP C 59 -34.23 6.37 13.15
N ALA C 60 -35.31 5.82 13.67
CA ALA C 60 -36.43 6.61 14.09
C ALA C 60 -35.89 7.54 15.15
N ARG C 61 -34.99 7.01 15.95
CA ARG C 61 -34.36 7.77 17.02
C ARG C 61 -33.16 8.52 16.48
N ASN C 62 -32.97 8.45 15.18
CA ASN C 62 -31.89 9.16 14.55
C ASN C 62 -30.57 8.48 14.73
N ASN C 63 -30.62 7.20 15.04
CA ASN C 63 -29.46 6.36 14.95
C ASN C 63 -29.09 6.29 13.50
N VAL C 64 -27.81 6.25 13.19
CA VAL C 64 -27.40 6.11 11.82
C VAL C 64 -26.76 4.77 11.61
N LYS C 65 -27.25 4.08 10.61
CA LYS C 65 -26.77 2.76 10.25
C LYS C 65 -26.59 2.65 8.75
N VAL C 66 -25.62 1.85 8.32
CA VAL C 66 -25.35 1.66 6.90
C VAL C 66 -25.49 0.19 6.52
N HIS C 67 -26.03 -0.05 5.33
CA HIS C 67 -26.06 -1.38 4.76
C HIS C 67 -24.72 -1.63 4.07
N CYS C 68 -24.18 -2.81 4.31
CA CYS C 68 -22.82 -3.14 3.90
C CYS C 68 -22.78 -4.37 3.02
N ARG C 69 -21.89 -4.34 2.03
CA ARG C 69 -21.49 -5.54 1.32
C ARG C 69 -19.99 -5.72 1.51
N TRP C 70 -19.61 -6.86 2.06
CA TRP C 70 -18.23 -7.03 2.54
C TRP C 70 -17.21 -7.39 1.46
N TYR C 71 -16.07 -6.72 1.51
CA TYR C 71 -14.89 -7.12 0.75
C TYR C 71 -14.07 -8.10 1.58
N TYR C 72 -13.95 -9.33 1.10
CA TYR C 72 -13.17 -10.34 1.82
C TYR C 72 -11.69 -10.24 1.51
N ARG C 73 -10.87 -10.33 2.55
CA ARG C 73 -9.43 -10.45 2.38
C ARG C 73 -9.10 -11.91 2.11
N PRO C 74 -8.09 -12.17 1.26
CA PRO C 74 -7.74 -13.53 0.83
C PRO C 74 -7.61 -14.53 1.98
N GLU C 75 -7.12 -14.06 3.11
CA GLU C 75 -7.07 -14.92 4.28
C GLU C 75 -8.47 -15.32 4.70
N GLU C 76 -9.41 -14.39 4.64
CA GLU C 76 -10.76 -14.69 5.08
C GLU C 76 -11.43 -15.73 4.24
N SER C 77 -11.21 -15.74 2.94
CA SER C 77 -11.85 -16.75 2.10
C SER C 77 -10.89 -17.87 1.90
N LEU C 78 -11.40 -19.07 2.09
CA LEU C 78 -10.60 -20.27 2.09
C LEU C 78 -10.10 -20.61 0.73
N GLY C 79 -9.07 -21.41 0.72
CA GLY C 79 -8.09 -21.42 -0.32
C GLY C 79 -6.98 -20.47 0.07
N GLY C 80 -7.17 -19.72 1.15
CA GLY C 80 -6.09 -19.02 1.79
C GLY C 80 -5.65 -17.89 0.93
N ARG C 81 -4.51 -17.34 1.28
CA ARG C 81 -3.91 -16.27 0.52
C ARG C 81 -2.80 -16.89 -0.27
N ARG C 82 -2.94 -16.91 -1.57
CA ARG C 82 -1.94 -17.48 -2.43
C ARG C 82 -0.88 -16.47 -2.71
N GLN C 83 0.10 -16.84 -3.51
CA GLN C 83 1.37 -16.13 -3.47
C GLN C 83 1.18 -14.90 -4.29
N PHE C 84 0.33 -15.06 -5.28
CA PHE C 84 0.07 -14.04 -6.26
C PHE C 84 -0.95 -13.05 -5.75
N HIS C 85 -1.56 -13.35 -4.60
CA HIS C 85 -2.51 -12.42 -4.00
C HIS C 85 -1.78 -11.15 -3.55
N GLY C 86 -2.22 -10.02 -4.07
CA GLY C 86 -1.59 -8.74 -3.73
C GLY C 86 -1.76 -8.37 -2.28
N ALA C 87 -0.97 -7.43 -1.81
CA ALA C 87 -1.08 -6.93 -0.44
C ALA C 87 -2.46 -6.32 -0.23
N LYS C 88 -2.95 -5.63 -1.25
CA LYS C 88 -4.19 -4.88 -1.16
C LYS C 88 -5.33 -5.53 -1.96
N GLU C 89 -5.20 -6.81 -2.29
CA GLU C 89 -6.22 -7.49 -3.07
C GLU C 89 -7.45 -7.80 -2.21
N LEU C 90 -8.63 -7.59 -2.80
CA LEU C 90 -9.89 -7.81 -2.09
C LEU C 90 -10.89 -8.58 -2.97
N PHE C 91 -11.81 -9.29 -2.32
CA PHE C 91 -12.86 -10.01 -3.04
C PHE C 91 -14.23 -9.47 -2.66
N LEU C 92 -15.06 -9.17 -3.65
CA LEU C 92 -16.43 -8.78 -3.36
C LEU C 92 -17.24 -10.01 -2.98
N SER C 93 -17.89 -9.95 -1.82
CA SER C 93 -18.65 -11.09 -1.32
C SER C 93 -20.15 -10.84 -1.38
N ASP C 94 -20.91 -11.89 -1.15
CA ASP C 94 -22.37 -11.78 -1.05
C ASP C 94 -22.77 -11.71 0.42
N HIS C 95 -21.78 -11.47 1.28
CA HIS C 95 -22.01 -11.30 2.70
C HIS C 95 -22.45 -9.88 3.00
N PHE C 96 -23.76 -9.67 3.10
CA PHE C 96 -24.31 -8.37 3.45
C PHE C 96 -24.45 -8.25 4.96
N ASP C 97 -24.40 -7.02 5.49
CA ASP C 97 -24.60 -6.83 6.93
C ASP C 97 -25.00 -5.39 7.26
N VAL C 98 -25.84 -5.22 8.28
CA VAL C 98 -26.22 -3.88 8.72
C VAL C 98 -25.34 -3.44 9.89
N GLN C 99 -24.66 -2.32 9.71
CA GLN C 99 -23.73 -1.83 10.72
C GLN C 99 -24.10 -0.43 11.19
N SER C 100 -23.51 0.02 12.30
CA SER C 100 -23.72 1.39 12.73
C SER C 100 -22.71 2.28 12.02
N ALA C 101 -23.07 3.55 11.83
CA ALA C 101 -22.22 4.47 11.07
C ALA C 101 -20.97 4.85 11.86
N HIS C 102 -21.05 4.75 13.18
CA HIS C 102 -19.92 5.10 14.06
C HIS C 102 -18.69 4.25 13.76
N THR C 103 -18.92 3.00 13.40
CA THR C 103 -17.84 2.07 13.11
C THR C 103 -16.99 2.56 11.93
N ILE C 104 -17.55 3.43 11.11
CA ILE C 104 -16.81 3.91 9.95
C ILE C 104 -15.64 4.82 10.31
N GLU C 105 -14.45 4.33 10.01
CA GLU C 105 -13.17 5.03 10.06
C GLU C 105 -12.96 6.14 9.09
N GLY C 106 -12.91 5.71 7.85
CA GLY C 106 -12.36 6.47 6.77
C GLY C 106 -12.87 5.82 5.52
N LYS C 107 -12.59 6.49 4.42
CA LYS C 107 -13.16 6.17 3.15
C LYS C 107 -12.02 5.69 2.25
N CYS C 108 -12.23 4.60 1.54
CA CYS C 108 -11.14 4.06 0.73
C CYS C 108 -11.58 3.72 -0.68
N ILE C 109 -10.61 3.63 -1.57
CA ILE C 109 -10.86 3.34 -2.97
C ILE C 109 -10.56 1.89 -3.29
N VAL C 110 -11.51 1.21 -3.92
CA VAL C 110 -11.29 -0.17 -4.36
C VAL C 110 -11.28 -0.21 -5.89
N HIS C 111 -10.08 -0.19 -6.45
CA HIS C 111 -9.89 -0.08 -7.90
C HIS C 111 -10.21 -1.36 -8.66
N THR C 112 -10.48 -1.20 -9.95
CA THR C 112 -10.41 -2.32 -10.88
C THR C 112 -8.94 -2.67 -11.01
N PHE C 113 -8.62 -3.87 -11.45
CA PHE C 113 -7.23 -4.29 -11.57
C PHE C 113 -6.44 -3.35 -12.48
N LYS C 114 -7.07 -2.92 -13.57
CA LYS C 114 -6.45 -2.05 -14.56
C LYS C 114 -5.90 -0.76 -13.95
N ASN C 115 -6.81 0.05 -13.42
CA ASN C 115 -6.43 1.30 -12.80
C ASN C 115 -5.47 1.09 -11.64
N TYR C 116 -5.64 0.03 -10.86
CA TYR C 116 -4.71 -0.25 -9.77
C TYR C 116 -3.29 -0.40 -10.31
N THR C 117 -3.14 -1.19 -11.37
CA THR C 117 -1.85 -1.32 -12.02
C THR C 117 -1.35 0.05 -12.48
N ARG C 118 -2.27 0.84 -12.99
CA ARG C 118 -1.93 2.15 -13.51
C ARG C 118 -1.43 3.18 -12.50
N LEU C 119 -1.89 3.10 -11.27
CA LEU C 119 -1.56 4.12 -10.29
C LEU C 119 -0.09 4.18 -10.19
N GLU C 120 0.46 5.38 -10.13
CA GLU C 120 1.87 5.51 -9.83
C GLU C 120 2.16 5.07 -8.43
N ASN C 121 1.32 5.44 -7.50
CA ASN C 121 1.65 5.36 -6.10
C ASN C 121 0.57 4.66 -5.35
N VAL C 122 0.93 3.84 -4.38
CA VAL C 122 -0.09 3.16 -3.61
C VAL C 122 -0.20 3.68 -2.18
N GLY C 123 -1.37 4.21 -1.89
CA GLY C 123 -1.70 4.73 -0.59
C GLY C 123 -2.18 3.68 0.35
N ALA C 124 -2.39 4.06 1.59
CA ALA C 124 -3.07 3.20 2.51
C ALA C 124 -4.44 2.99 1.94
N GLU C 125 -4.97 4.03 1.32
CA GLU C 125 -6.31 4.04 0.78
C GLU C 125 -6.61 3.06 -0.33
N ASP C 126 -5.68 2.85 -1.25
CA ASP C 126 -6.01 2.10 -2.47
C ASP C 126 -5.90 0.59 -2.39
N TYR C 127 -7.00 -0.07 -2.68
CA TYR C 127 -7.10 -1.52 -2.76
C TYR C 127 -7.47 -1.91 -4.19
N TYR C 128 -7.51 -3.20 -4.48
CA TYR C 128 -7.99 -3.64 -5.79
C TYR C 128 -8.78 -4.94 -5.70
N CYS C 129 -9.62 -5.17 -6.70
CA CYS C 129 -10.51 -6.33 -6.72
C CYS C 129 -10.72 -6.82 -8.15
N ARG C 130 -10.28 -8.04 -8.42
CA ARG C 130 -10.46 -8.64 -9.73
C ARG C 130 -11.29 -9.91 -9.66
N PHE C 131 -11.74 -10.25 -8.45
CA PHE C 131 -12.59 -11.43 -8.26
C PHE C 131 -13.74 -11.21 -7.30
N GLU C 132 -14.87 -11.83 -7.62
CA GLU C 132 -16.00 -11.88 -6.70
C GLU C 132 -15.96 -13.21 -5.96
N TYR C 133 -16.22 -13.17 -4.67
CA TYR C 133 -16.16 -14.37 -3.84
C TYR C 133 -17.54 -14.71 -3.29
N LYS C 134 -17.92 -15.98 -3.42
CA LYS C 134 -19.13 -16.46 -2.77
C LYS C 134 -18.74 -17.05 -1.43
N ALA C 135 -19.18 -16.40 -0.35
CA ALA C 135 -18.80 -16.76 1.01
C ALA C 135 -19.19 -18.19 1.35
N ALA C 136 -20.36 -18.60 0.88
CA ALA C 136 -20.93 -19.89 1.26
C ALA C 136 -20.25 -21.08 0.60
N THR C 137 -19.88 -20.94 -0.67
CA THR C 137 -19.36 -22.08 -1.43
C THR C 137 -17.89 -21.96 -1.77
N GLY C 138 -17.30 -20.79 -1.52
CA GLY C 138 -15.90 -20.56 -1.82
C GLY C 138 -15.64 -20.41 -3.31
N ALA C 139 -16.71 -20.23 -4.07
CA ALA C 139 -16.60 -20.04 -5.51
C ALA C 139 -15.98 -18.68 -5.82
N PHE C 140 -15.28 -18.59 -6.95
CA PHE C 140 -14.65 -17.36 -7.37
C PHE C 140 -15.11 -16.93 -8.76
N THR C 141 -15.33 -15.64 -8.93
CA THR C 141 -15.73 -15.06 -10.21
C THR C 141 -14.59 -14.20 -10.75
N PRO C 142 -14.21 -14.40 -12.02
CA PRO C 142 -14.83 -15.30 -13.01
C PRO C 142 -14.19 -16.69 -13.09
N ASP C 143 -14.67 -17.47 -14.06
CA ASP C 143 -14.23 -18.84 -14.27
C ASP C 143 -12.75 -18.97 -14.64
N ARG C 144 -12.16 -17.87 -15.11
CA ARG C 144 -10.79 -17.94 -15.62
C ARG C 144 -9.90 -16.81 -15.12
N VAL C 145 -8.59 -17.07 -15.14
CA VAL C 145 -7.58 -16.09 -14.74
C VAL C 145 -6.43 -16.12 -15.73
N ALA C 146 -5.86 -14.96 -16.05
CA ALA C 146 -4.69 -14.89 -16.91
C ALA C 146 -3.43 -15.20 -16.12
N VAL C 147 -2.61 -16.12 -16.62
CA VAL C 147 -1.38 -16.49 -15.94
C VAL C 147 -0.16 -16.03 -16.72
N TYR C 148 1.01 -16.07 -16.05
CA TYR C 148 2.25 -15.60 -16.66
C TYR C 148 3.44 -16.40 -16.18
N CYS C 149 4.60 -16.14 -16.78
CA CYS C 149 5.88 -16.67 -16.32
C CYS C 149 5.98 -18.18 -16.38
N LYS C 150 7.12 -18.71 -15.94
CA LYS C 150 7.34 -20.14 -15.92
C LYS C 150 6.48 -20.78 -14.84
N CYS C 151 6.29 -20.07 -13.74
CA CYS C 151 5.53 -20.56 -12.61
C CYS C 151 4.04 -20.70 -12.93
N GLU C 152 3.61 -20.10 -14.03
CA GLU C 152 2.23 -20.18 -14.50
C GLU C 152 1.25 -19.62 -13.47
N MET C 153 1.66 -18.53 -12.82
CA MET C 153 0.84 -17.90 -11.80
C MET C 153 0.24 -16.58 -12.27
N PRO C 154 -0.96 -16.24 -11.76
CA PRO C 154 -1.55 -14.91 -12.02
C PRO C 154 -0.63 -13.80 -11.54
N TYR C 155 -0.79 -12.60 -12.10
CA TYR C 155 0.09 -11.50 -11.77
C TYR C 155 -0.20 -10.92 -10.39
N ASN C 156 0.86 -10.70 -9.63
CA ASN C 156 0.79 -9.95 -8.38
C ASN C 156 1.42 -8.58 -8.63
N PRO C 157 0.62 -7.51 -8.45
CA PRO C 157 1.06 -6.14 -8.75
C PRO C 157 2.31 -5.75 -7.97
N ASP C 158 2.39 -6.19 -6.72
CA ASP C 158 3.51 -5.87 -5.85
C ASP C 158 4.81 -6.52 -6.33
N ASP C 159 4.69 -7.52 -7.21
CA ASP C 159 5.86 -8.23 -7.73
C ASP C 159 6.31 -7.68 -9.09
N LEU C 160 7.61 -7.47 -9.23
CA LEU C 160 8.17 -6.98 -10.49
C LEU C 160 8.29 -8.10 -11.52
N MET C 161 7.95 -7.79 -12.77
CA MET C 161 8.07 -8.77 -13.85
C MET C 161 8.62 -8.14 -15.11
N VAL C 162 9.39 -8.92 -15.87
CA VAL C 162 9.95 -8.47 -17.13
C VAL C 162 9.35 -9.22 -18.30
N GLN C 163 9.37 -8.59 -19.48
CA GLN C 163 8.76 -9.18 -20.66
C GLN C 163 9.80 -9.57 -21.70
N CYS C 164 9.74 -10.82 -22.15
CA CYS C 164 10.54 -11.25 -23.28
C CYS C 164 10.02 -10.54 -24.52
N GLU C 165 10.95 -9.98 -25.30
CA GLU C 165 10.58 -9.24 -26.49
C GLU C 165 10.13 -10.19 -27.60
N GLY C 166 10.57 -11.44 -27.49
CA GLY C 166 10.11 -12.51 -28.36
C GLY C 166 8.76 -13.06 -27.92
N CYS C 167 8.73 -13.73 -26.77
CA CYS C 167 7.49 -14.27 -26.22
C CYS C 167 6.34 -13.27 -26.10
N LYS C 168 6.66 -12.08 -25.58
CA LYS C 168 5.68 -11.10 -25.09
C LYS C 168 5.07 -11.58 -23.78
N ASP C 169 5.57 -12.72 -23.29
CA ASP C 169 5.17 -13.22 -21.98
C ASP C 169 5.89 -12.43 -20.90
N TRP C 170 5.48 -12.60 -19.66
CA TRP C 170 6.08 -11.86 -18.56
C TRP C 170 6.71 -12.80 -17.53
N TYR C 171 7.92 -12.47 -17.08
CA TYR C 171 8.65 -13.38 -16.20
C TYR C 171 9.13 -12.72 -14.93
N HIS C 172 9.05 -13.46 -13.83
CA HIS C 172 9.69 -13.04 -12.59
C HIS C 172 11.18 -13.26 -12.77
N PRO C 173 11.99 -12.26 -12.42
CA PRO C 173 13.46 -12.35 -12.54
C PRO C 173 14.00 -13.57 -11.81
N ALA C 174 13.44 -13.87 -10.64
CA ALA C 174 13.87 -15.03 -9.86
C ALA C 174 13.60 -16.32 -10.63
N CYS C 175 12.45 -16.41 -11.25
CA CYS C 175 12.05 -17.62 -11.98
C CYS C 175 12.89 -17.86 -13.22
N VAL C 176 13.55 -16.82 -13.71
CA VAL C 176 14.50 -16.97 -14.80
C VAL C 176 15.93 -16.89 -14.26
N GLY C 177 16.06 -17.00 -12.94
CA GLY C 177 17.36 -17.05 -12.28
C GLY C 177 18.11 -15.73 -12.33
N MET C 178 17.40 -14.64 -12.05
CA MET C 178 17.94 -13.29 -12.21
C MET C 178 17.48 -12.42 -11.05
N THR C 179 18.36 -11.65 -10.45
CA THR C 179 17.94 -10.78 -9.36
C THR C 179 17.16 -9.61 -9.95
N ILE C 180 16.46 -8.87 -9.09
CA ILE C 180 15.55 -7.83 -9.57
C ILE C 180 16.28 -6.68 -10.24
N GLU C 181 17.43 -6.30 -9.68
CA GLU C 181 18.22 -5.19 -10.20
C GLU C 181 18.77 -5.51 -11.58
N GLU C 182 18.98 -6.80 -11.85
CA GLU C 182 19.45 -7.24 -13.16
C GLU C 182 18.34 -7.10 -14.19
N ALA C 183 17.13 -7.40 -13.78
CA ALA C 183 15.98 -7.11 -14.62
C ALA C 183 15.93 -5.62 -14.91
N LYS C 184 16.22 -4.82 -13.88
CA LYS C 184 16.13 -3.36 -14.02
C LYS C 184 17.15 -2.73 -14.98
N LYS C 185 18.39 -3.19 -14.91
CA LYS C 185 19.49 -2.65 -15.72
C LYS C 185 19.44 -3.07 -17.19
N LEU C 186 19.12 -4.35 -17.41
CA LEU C 186 19.18 -4.98 -18.73
C LEU C 186 18.33 -4.26 -19.78
N ASP C 187 18.99 -3.87 -20.87
CA ASP C 187 18.34 -3.18 -21.98
C ASP C 187 17.36 -4.07 -22.74
N HIS C 188 17.81 -5.26 -23.10
CA HIS C 188 17.03 -6.18 -23.93
C HIS C 188 16.89 -7.54 -23.28
N PHE C 189 15.65 -8.03 -23.20
CA PHE C 189 15.42 -9.35 -22.63
C PHE C 189 14.68 -10.29 -23.56
N VAL C 190 15.31 -11.43 -23.85
CA VAL C 190 14.65 -12.52 -24.58
C VAL C 190 14.65 -13.80 -23.74
N CYS C 191 13.49 -14.43 -23.67
CA CYS C 191 13.29 -15.63 -22.88
C CYS C 191 14.25 -16.76 -23.23
N ALA C 192 14.50 -17.64 -22.28
CA ALA C 192 15.36 -18.80 -22.50
C ALA C 192 14.70 -19.78 -23.45
N GLU C 193 13.37 -19.78 -23.46
CA GLU C 193 12.61 -20.72 -24.28
C GLU C 193 12.49 -20.28 -25.74
N CYS C 194 12.56 -18.97 -25.98
CA CYS C 194 12.52 -18.46 -27.35
C CYS C 194 13.72 -18.88 -28.20
N SER C 195 14.80 -19.26 -27.53
CA SER C 195 15.98 -19.77 -28.22
C SER C 195 15.91 -21.29 -28.31
N SER C 196 14.73 -21.81 -28.02
CA SER C 196 14.50 -23.25 -28.00
C SER C 196 13.10 -23.59 -28.46
N ASP C 197 12.79 -24.89 -28.41
CA ASP C 197 11.57 -25.42 -29.00
C ASP C 197 10.82 -26.31 -28.02
N ALA D 1 14.71 -4.19 -19.59
CA ALA D 1 13.71 -4.19 -20.65
C ALA D 1 12.39 -3.60 -20.16
N ARG D 2 11.30 -3.98 -20.81
CA ARG D 2 9.97 -3.59 -20.38
C ARG D 2 9.61 -4.29 -19.08
N THR D 3 9.29 -3.51 -18.04
CA THR D 3 8.96 -4.13 -16.76
C THR D 3 7.62 -3.69 -16.19
N GLN D 5 5.82 -3.16 -12.49
CA GLN D 5 5.93 -2.99 -11.03
C GLN D 5 4.89 -1.97 -10.53
N THR D 6 4.26 -2.24 -9.40
CA THR D 6 3.55 -1.16 -8.71
C THR D 6 4.13 -0.81 -7.32
N ALA D 7 4.55 0.44 -7.15
CA ALA D 7 5.16 0.90 -5.88
C ALA D 7 4.20 0.75 -4.69
N GLY E 15 -26.90 31.73 -21.47
CA GLY E 15 -26.15 32.87 -21.96
C GLY E 15 -24.82 33.02 -21.25
N ARG E 16 -23.84 32.23 -21.67
CA ARG E 16 -22.53 32.20 -21.03
C ARG E 16 -21.55 33.15 -21.73
N LYS E 17 -20.49 33.54 -21.03
CA LYS E 17 -19.41 34.27 -21.70
C LYS E 17 -18.04 34.19 -21.00
N GLU E 18 -17.05 33.87 -21.83
CA GLU E 18 -15.64 34.22 -21.62
C GLU E 18 -15.36 35.60 -21.02
N LEU E 19 -14.40 35.65 -20.09
CA LEU E 19 -14.00 36.89 -19.45
C LEU E 19 -12.62 37.32 -19.93
N ASP E 20 -12.13 38.44 -19.41
CA ASP E 20 -10.79 38.93 -19.74
C ASP E 20 -9.76 38.42 -18.74
N SER E 21 -10.20 38.24 -17.50
CA SER E 21 -9.31 37.77 -16.45
C SER E 21 -10.08 37.21 -15.26
N TYR E 22 -9.34 36.59 -14.34
CA TYR E 22 -9.89 36.06 -13.10
C TYR E 22 -8.87 36.27 -11.99
N THR E 23 -9.30 36.82 -10.86
CA THR E 23 -8.41 36.91 -9.72
C THR E 23 -8.78 35.79 -8.75
N ILE E 24 -7.82 34.93 -8.45
CA ILE E 24 -8.03 33.83 -7.52
C ILE E 24 -8.52 34.42 -6.19
N LYS E 25 -9.35 33.67 -5.46
CA LYS E 25 -9.91 34.18 -4.21
C LYS E 25 -8.83 34.31 -3.14
N GLY E 26 -8.82 35.44 -2.43
CA GLY E 26 -7.93 35.62 -1.29
C GLY E 26 -6.50 35.97 -1.64
N THR E 27 -6.29 36.33 -2.91
CA THR E 27 -5.01 36.82 -3.41
C THR E 27 -5.29 37.98 -4.39
N ASN E 28 -4.24 38.67 -4.84
CA ASN E 28 -4.36 39.72 -5.85
C ASN E 28 -3.50 39.39 -7.09
N LYS E 29 -3.14 38.11 -7.24
CA LYS E 29 -2.52 37.65 -8.47
C LYS E 29 -3.59 37.26 -9.49
N VAL E 30 -3.38 37.67 -10.73
CA VAL E 30 -4.43 37.61 -11.74
C VAL E 30 -4.11 36.64 -12.89
N VAL E 31 -5.12 35.87 -13.28
CA VAL E 31 -5.02 34.87 -14.34
C VAL E 31 -5.70 35.35 -15.61
N ARG E 32 -5.02 35.22 -16.75
CA ARG E 32 -5.65 35.47 -18.04
C ARG E 32 -5.39 34.30 -18.97
N ALA E 33 -6.01 34.32 -20.15
CA ALA E 33 -5.78 33.28 -21.14
C ALA E 33 -4.31 33.24 -21.54
N GLY E 34 -3.76 32.04 -21.62
CA GLY E 34 -2.36 31.88 -21.97
C GLY E 34 -1.47 31.71 -20.75
N ASP E 35 -1.99 32.06 -19.58
CA ASP E 35 -1.25 31.86 -18.34
C ASP E 35 -1.24 30.38 -17.97
N CYS E 36 -0.35 30.01 -17.06
CA CYS E 36 -0.28 28.63 -16.59
C CYS E 36 -0.67 28.56 -15.11
N VAL E 37 -1.46 27.54 -14.76
CA VAL E 37 -1.99 27.44 -13.41
C VAL E 37 -1.80 26.08 -12.75
N LEU E 38 -1.79 26.13 -11.41
CA LEU E 38 -1.69 25.00 -10.50
C LEU E 38 -3.06 24.71 -9.96
N MET E 39 -3.60 23.62 -10.47
CA MET E 39 -4.87 23.04 -10.10
C MET E 39 -4.77 22.11 -8.91
N ARG E 40 -5.92 21.83 -8.31
CA ARG E 40 -6.00 20.91 -7.20
C ARG E 40 -5.57 19.55 -7.67
N PRO E 41 -4.79 18.85 -6.86
CA PRO E 41 -4.55 17.42 -7.07
C PRO E 41 -5.40 16.66 -6.06
N SER E 42 -6.44 15.95 -6.50
CA SER E 42 -7.45 15.52 -5.55
C SER E 42 -6.97 14.35 -4.74
N ASP E 43 -5.86 14.57 -4.04
CA ASP E 43 -5.26 13.58 -3.18
C ASP E 43 -4.34 14.30 -2.18
N ALA E 44 -3.94 13.59 -1.13
CA ALA E 44 -3.08 14.18 -0.13
C ALA E 44 -1.62 14.17 -0.60
N GLY E 45 -1.03 15.35 -0.65
CA GLY E 45 0.39 15.49 -0.94
C GLY E 45 0.63 15.31 -2.40
N LYS E 46 -0.39 14.99 -3.19
CA LYS E 46 -0.16 14.78 -4.63
C LYS E 46 0.20 16.11 -5.29
N PRO E 47 1.25 16.16 -6.10
CA PRO E 47 1.63 17.47 -6.63
C PRO E 47 0.48 18.03 -7.44
N PRO E 48 0.39 19.35 -7.51
CA PRO E 48 -0.69 20.01 -8.24
C PRO E 48 -0.57 19.80 -9.75
N TYR E 49 -1.71 19.62 -10.42
CA TYR E 49 -1.73 19.43 -11.87
C TYR E 49 -1.49 20.79 -12.51
N VAL E 50 -0.66 20.84 -13.55
CA VAL E 50 -0.40 22.10 -14.21
C VAL E 50 -1.16 22.18 -15.53
N ALA E 51 -1.75 23.34 -15.80
CA ALA E 51 -2.50 23.51 -17.05
C ALA E 51 -2.24 24.88 -17.67
N ARG E 52 -2.46 24.97 -18.99
CA ARG E 52 -2.42 26.27 -19.66
C ARG E 52 -3.84 26.73 -19.90
N VAL E 53 -4.12 27.99 -19.62
CA VAL E 53 -5.48 28.51 -19.72
C VAL E 53 -5.78 29.00 -21.14
N GLU E 54 -6.64 28.26 -21.83
CA GLU E 54 -7.05 28.60 -23.19
C GLU E 54 -8.12 29.68 -23.18
N LYS E 55 -9.14 29.47 -22.36
CA LYS E 55 -10.26 30.40 -22.27
C LYS E 55 -10.77 30.47 -20.83
N ILE E 56 -11.12 31.68 -20.39
CA ILE E 56 -11.75 31.85 -19.08
C ILE E 56 -13.22 32.19 -19.28
N GLU E 57 -14.11 31.46 -18.63
CA GLU E 57 -15.51 31.65 -18.84
C GLU E 57 -16.29 31.73 -17.56
N ALA E 58 -17.25 32.64 -17.58
CA ALA E 58 -18.16 32.85 -16.50
C ALA E 58 -19.54 32.67 -17.03
N ASP E 59 -20.33 31.90 -16.32
CA ASP E 59 -21.72 31.66 -16.69
C ASP E 59 -22.67 32.73 -16.20
N ALA E 60 -23.95 32.56 -16.49
CA ALA E 60 -24.96 33.54 -16.11
C ALA E 60 -25.04 33.70 -14.61
N ARG E 61 -24.79 32.62 -13.89
CA ARG E 61 -24.90 32.61 -12.44
C ARG E 61 -23.65 33.13 -11.77
N ASN E 62 -22.70 33.59 -12.58
CA ASN E 62 -21.50 34.25 -12.10
C ASN E 62 -20.43 33.26 -11.74
N ASN E 63 -20.75 32.01 -11.91
CA ASN E 63 -19.80 30.95 -11.68
C ASN E 63 -18.73 31.09 -12.72
N VAL E 64 -17.49 30.85 -12.36
CA VAL E 64 -16.42 30.96 -13.31
C VAL E 64 -15.78 29.63 -13.55
N LYS E 65 -15.60 29.29 -14.81
CA LYS E 65 -15.07 28.02 -15.18
C LYS E 65 -13.95 28.31 -16.11
N VAL E 66 -13.00 27.40 -16.24
CA VAL E 66 -11.91 27.60 -17.19
C VAL E 66 -11.66 26.42 -18.11
N HIS E 67 -11.29 26.76 -19.35
CA HIS E 67 -10.87 25.77 -20.32
C HIS E 67 -9.35 25.69 -20.31
N CYS E 68 -8.83 24.49 -20.09
CA CYS E 68 -7.40 24.30 -19.92
C CYS E 68 -6.83 23.14 -20.73
N ARG E 69 -5.64 23.37 -21.27
CA ARG E 69 -4.87 22.34 -21.96
C ARG E 69 -3.89 21.75 -20.96
N TRP E 70 -3.86 20.42 -20.86
CA TRP E 70 -3.17 19.76 -19.77
C TRP E 70 -1.66 19.58 -19.95
N TYR E 71 -0.92 19.87 -18.88
CA TYR E 71 0.51 19.57 -18.83
C TYR E 71 0.76 18.24 -18.14
N TYR E 72 1.41 17.33 -18.85
CA TYR E 72 1.62 15.97 -18.35
C TYR E 72 2.92 15.79 -17.58
N ARG E 73 2.86 15.09 -16.45
CA ARG E 73 4.09 14.67 -15.81
C ARG E 73 4.68 13.56 -16.66
N PRO E 74 6.00 13.37 -16.58
CA PRO E 74 6.64 12.28 -17.32
C PRO E 74 6.09 10.90 -16.95
N GLU E 75 5.69 10.73 -15.71
CA GLU E 75 5.08 9.50 -15.30
C GLU E 75 3.76 9.28 -15.98
N GLU E 76 2.93 10.31 -15.99
CA GLU E 76 1.60 10.19 -16.52
C GLU E 76 1.71 9.90 -18.00
N SER E 77 2.69 10.51 -18.62
CA SER E 77 2.97 10.31 -20.01
C SER E 77 3.35 8.87 -20.10
N LEU E 78 2.99 8.20 -21.20
CA LEU E 78 3.26 6.77 -21.32
C LEU E 78 4.70 6.52 -21.75
N GLY E 79 5.35 5.62 -21.06
CA GLY E 79 6.79 5.46 -21.20
C GLY E 79 7.61 5.99 -20.04
N GLY E 80 6.97 6.64 -19.08
CA GLY E 80 7.60 6.83 -17.80
C GLY E 80 8.66 7.89 -17.75
N ARG E 81 9.30 8.06 -16.61
CA ARG E 81 10.29 9.09 -16.42
C ARG E 81 11.68 8.67 -16.84
N ARG E 82 11.97 8.79 -18.11
CA ARG E 82 13.31 8.47 -18.60
C ARG E 82 14.29 9.34 -17.82
N GLN E 83 15.56 8.97 -17.85
CA GLN E 83 16.53 9.59 -16.95
C GLN E 83 17.02 10.96 -17.41
N PHE E 84 16.71 11.35 -18.65
CA PHE E 84 17.09 12.70 -19.11
C PHE E 84 15.97 13.69 -18.81
N HIS E 85 14.86 13.18 -18.30
CA HIS E 85 13.74 14.02 -17.87
C HIS E 85 14.07 14.70 -16.54
N GLY E 86 14.23 16.02 -16.58
CA GLY E 86 14.47 16.80 -15.37
C GLY E 86 13.33 16.69 -14.38
N ALA E 87 13.52 17.27 -13.20
CA ALA E 87 12.51 17.20 -12.15
C ALA E 87 11.25 17.96 -12.54
N LYS E 88 11.42 19.04 -13.29
CA LYS E 88 10.30 19.93 -13.58
C LYS E 88 9.87 19.86 -15.05
N GLU E 89 10.15 18.75 -15.70
CA GLU E 89 9.69 18.52 -17.07
C GLU E 89 8.17 18.49 -17.14
N LEU E 90 7.61 19.19 -18.11
CA LEU E 90 6.19 19.08 -18.39
C LEU E 90 5.96 18.92 -19.89
N PHE E 91 4.96 18.12 -20.24
CA PHE E 91 4.65 17.88 -21.64
C PHE E 91 3.36 18.56 -22.04
N LEU E 92 3.44 19.39 -23.08
CA LEU E 92 2.25 19.99 -23.67
C LEU E 92 1.45 18.91 -24.39
N SER E 93 0.24 18.63 -23.91
CA SER E 93 -0.56 17.56 -24.47
C SER E 93 -1.69 18.09 -25.35
N ASP E 94 -2.33 17.18 -26.09
CA ASP E 94 -3.49 17.54 -26.88
C ASP E 94 -4.76 17.19 -26.11
N HIS E 95 -4.60 16.98 -24.81
CA HIS E 95 -5.72 16.74 -23.90
C HIS E 95 -6.32 18.07 -23.44
N PHE E 96 -7.63 18.22 -23.65
CA PHE E 96 -8.33 19.44 -23.26
C PHE E 96 -9.41 19.14 -22.23
N ASP E 97 -9.46 19.93 -21.16
CA ASP E 97 -10.50 19.73 -20.15
C ASP E 97 -11.02 21.06 -19.63
N VAL E 98 -12.20 21.04 -19.02
CA VAL E 98 -12.79 22.23 -18.43
C VAL E 98 -13.07 22.01 -16.95
N GLN E 99 -12.65 22.93 -16.10
CA GLN E 99 -12.94 22.81 -14.67
C GLN E 99 -13.11 24.17 -14.00
N SER E 100 -13.87 24.18 -12.92
CA SER E 100 -14.23 25.43 -12.24
C SER E 100 -13.01 26.15 -11.65
N ALA E 101 -13.10 27.47 -11.54
CA ALA E 101 -11.97 28.31 -11.17
C ALA E 101 -11.47 28.06 -9.75
N HIS E 102 -12.31 27.49 -8.89
CA HIS E 102 -11.94 27.21 -7.50
C HIS E 102 -10.80 26.19 -7.45
N THR E 103 -10.73 25.36 -8.49
CA THR E 103 -9.68 24.35 -8.62
C THR E 103 -8.29 24.98 -8.62
N ILE E 104 -8.19 26.14 -9.25
CA ILE E 104 -6.93 26.87 -9.30
C ILE E 104 -6.44 27.24 -7.90
N GLU E 105 -5.25 26.76 -7.55
CA GLU E 105 -4.66 27.11 -6.28
C GLU E 105 -3.51 28.09 -6.47
N GLY E 106 -2.86 28.07 -7.63
CA GLY E 106 -1.80 29.06 -7.84
C GLY E 106 -1.37 29.33 -9.26
N LYS E 107 -0.74 30.47 -9.53
CA LYS E 107 -0.22 30.72 -10.87
C LYS E 107 1.23 30.29 -10.98
N CYS E 108 1.65 29.86 -12.17
CA CYS E 108 3.04 29.46 -12.39
C CYS E 108 3.60 29.86 -13.74
N ILE E 109 4.85 29.49 -13.96
CA ILE E 109 5.51 29.71 -15.24
C ILE E 109 6.02 28.40 -15.80
N VAL E 110 5.70 28.13 -17.06
CA VAL E 110 6.28 27.00 -17.75
C VAL E 110 7.18 27.53 -18.85
N HIS E 111 8.48 27.56 -18.58
CA HIS E 111 9.42 28.17 -19.50
C HIS E 111 9.74 27.31 -20.72
N THR E 112 10.30 27.97 -21.74
CA THR E 112 11.02 27.28 -22.78
C THR E 112 12.23 26.64 -22.11
N PHE E 113 12.82 25.64 -22.74
CA PHE E 113 13.97 24.95 -22.16
C PHE E 113 15.12 25.93 -21.90
N LYS E 114 15.45 26.71 -22.91
CA LYS E 114 16.49 27.74 -22.84
C LYS E 114 16.35 28.63 -21.61
N ASN E 115 15.18 29.26 -21.50
CA ASN E 115 14.89 30.14 -20.38
C ASN E 115 15.08 29.45 -19.03
N TYR E 116 14.56 28.22 -18.92
CA TYR E 116 14.69 27.46 -17.69
C TYR E 116 16.16 27.22 -17.31
N THR E 117 16.96 26.82 -18.30
CA THR E 117 18.38 26.57 -18.04
C THR E 117 19.09 27.87 -17.70
N ARG E 118 18.56 29.00 -18.15
CA ARG E 118 19.18 30.29 -17.88
C ARG E 118 18.87 30.83 -16.47
N LEU E 119 17.85 30.28 -15.81
CA LEU E 119 17.41 30.79 -14.52
C LEU E 119 18.52 30.72 -13.47
N GLU E 120 18.65 31.76 -12.68
CA GLU E 120 19.71 31.82 -11.68
C GLU E 120 19.32 31.06 -10.41
N ASN E 121 18.02 30.93 -10.18
CA ASN E 121 17.51 30.06 -9.12
C ASN E 121 16.14 29.50 -9.48
N VAL E 122 15.88 28.28 -9.04
CA VAL E 122 14.67 27.58 -9.41
C VAL E 122 13.67 27.55 -8.26
N GLY E 123 12.58 28.29 -8.40
CA GLY E 123 11.52 28.26 -7.42
C GLY E 123 10.62 27.06 -7.66
N ALA E 124 9.72 26.80 -6.71
CA ALA E 124 8.74 25.73 -6.88
C ALA E 124 7.82 26.05 -8.07
N GLU E 125 7.67 27.35 -8.33
CA GLU E 125 6.76 27.85 -9.36
C GLU E 125 7.25 27.59 -10.78
N ASP E 126 8.57 27.50 -10.96
CA ASP E 126 9.14 27.39 -12.29
C ASP E 126 9.16 25.95 -12.83
N TYR E 127 8.60 25.80 -14.03
CA TYR E 127 8.62 24.54 -14.76
C TYR E 127 9.23 24.78 -16.13
N TYR E 128 9.34 23.73 -16.94
CA TYR E 128 9.72 23.93 -18.34
C TYR E 128 9.13 22.86 -19.24
N CYS E 129 9.02 23.19 -20.52
CA CYS E 129 8.51 22.24 -21.50
C CYS E 129 9.32 22.29 -22.79
N ARG E 130 9.56 21.13 -23.37
CA ARG E 130 10.29 21.05 -24.65
C ARG E 130 9.65 20.03 -25.58
N PHE E 131 8.59 19.37 -25.11
CA PHE E 131 7.93 18.35 -25.91
C PHE E 131 6.43 18.49 -25.96
N GLU E 132 5.87 18.19 -27.12
CA GLU E 132 4.43 18.04 -27.26
C GLU E 132 4.10 16.55 -27.24
N TYR E 133 3.08 16.18 -26.49
CA TYR E 133 2.77 14.78 -26.25
C TYR E 133 1.33 14.44 -26.60
N LYS E 134 1.16 13.61 -27.63
CA LYS E 134 -0.18 13.15 -28.02
C LYS E 134 -0.68 12.11 -27.03
N ALA E 135 -1.54 12.55 -26.11
CA ALA E 135 -2.04 11.71 -25.03
C ALA E 135 -2.72 10.43 -25.52
N ALA E 136 -3.44 10.55 -26.62
CA ALA E 136 -4.19 9.42 -27.17
C ALA E 136 -3.25 8.33 -27.70
N THR E 137 -2.38 8.71 -28.63
CA THR E 137 -1.47 7.77 -29.27
C THR E 137 -0.31 7.40 -28.36
N GLY E 138 0.35 8.41 -27.81
CA GLY E 138 1.51 8.22 -26.97
C GLY E 138 2.75 8.79 -27.62
N ALA E 139 2.56 9.45 -28.75
CA ALA E 139 3.67 9.96 -29.55
C ALA E 139 4.26 11.23 -28.98
N PHE E 140 5.50 11.53 -29.38
CA PHE E 140 6.19 12.75 -28.94
C PHE E 140 6.55 13.63 -30.14
N THR E 141 6.74 14.92 -29.88
CA THR E 141 7.01 15.90 -30.93
C THR E 141 7.75 17.10 -30.31
N PRO E 142 8.81 17.59 -30.98
CA PRO E 142 9.37 17.13 -32.26
C PRO E 142 10.17 15.83 -32.14
N ASP E 143 10.38 15.19 -33.27
CA ASP E 143 11.08 13.93 -33.32
C ASP E 143 12.51 14.07 -32.87
N ARG E 144 13.16 15.09 -33.38
CA ARG E 144 14.55 15.28 -33.04
C ARG E 144 14.71 15.90 -31.68
N VAL E 145 15.74 15.47 -30.99
CA VAL E 145 16.06 15.98 -29.68
C VAL E 145 17.52 16.26 -29.74
N ALA E 146 17.99 17.14 -28.88
CA ALA E 146 19.38 17.53 -28.93
C ALA E 146 20.11 16.72 -27.91
N VAL E 147 21.22 16.15 -28.33
CA VAL E 147 21.89 15.10 -27.62
C VAL E 147 23.35 15.42 -27.33
N TYR E 148 23.88 14.84 -26.28
CA TYR E 148 25.15 15.26 -25.75
C TYR E 148 25.91 14.15 -25.05
N CYS E 149 27.19 14.38 -24.82
CA CYS E 149 28.07 13.46 -24.12
C CYS E 149 28.37 12.28 -25.00
N LYS E 150 28.89 11.23 -24.40
CA LYS E 150 29.03 9.97 -25.13
C LYS E 150 27.86 9.07 -24.88
N CYS E 151 27.10 9.33 -23.84
CA CYS E 151 25.92 8.54 -23.58
C CYS E 151 24.88 8.84 -24.61
N GLU E 152 25.06 9.93 -25.34
CA GLU E 152 24.11 10.33 -26.35
C GLU E 152 22.76 10.55 -25.74
N MET E 153 22.72 11.18 -24.58
CA MET E 153 21.45 11.47 -23.94
C MET E 153 21.08 12.93 -24.10
N PRO E 154 19.78 13.22 -24.22
CA PRO E 154 19.29 14.59 -24.15
C PRO E 154 19.69 15.19 -22.81
N TYR E 155 19.94 16.49 -22.77
CA TYR E 155 20.40 17.12 -21.54
C TYR E 155 19.33 17.10 -20.44
N ASN E 156 19.76 16.75 -19.23
CA ASN E 156 18.93 16.93 -18.05
C ASN E 156 19.45 18.13 -17.29
N PRO E 157 18.62 19.18 -17.19
CA PRO E 157 18.99 20.47 -16.58
C PRO E 157 19.43 20.33 -15.12
N ASP E 158 19.04 19.24 -14.49
CA ASP E 158 19.40 19.00 -13.09
C ASP E 158 20.82 18.45 -12.98
N ASP E 159 21.25 17.71 -13.99
CA ASP E 159 22.60 17.16 -14.02
C ASP E 159 23.65 18.19 -14.41
N LEU E 160 24.85 18.08 -13.86
CA LEU E 160 25.95 18.95 -14.25
C LEU E 160 26.67 18.38 -15.47
N MET E 161 27.06 19.25 -16.39
CA MET E 161 27.86 18.84 -17.54
C MET E 161 29.04 19.78 -17.72
N VAL E 162 30.13 19.27 -18.29
CA VAL E 162 31.29 20.08 -18.62
C VAL E 162 31.52 20.08 -20.13
N GLN E 163 32.15 21.14 -20.65
CA GLN E 163 32.33 21.28 -22.09
C GLN E 163 33.80 21.14 -22.51
N CYS E 164 34.04 20.28 -23.49
CA CYS E 164 35.37 20.17 -24.07
C CYS E 164 35.67 21.39 -24.93
N GLU E 165 36.89 21.91 -24.83
CA GLU E 165 37.29 23.11 -25.58
C GLU E 165 37.56 22.79 -27.05
N GLY E 166 37.53 21.50 -27.38
CA GLY E 166 37.74 21.06 -28.75
C GLY E 166 36.45 20.78 -29.48
N CYS E 167 35.66 19.84 -28.97
CA CYS E 167 34.41 19.48 -29.62
C CYS E 167 33.44 20.64 -29.48
N LYS E 168 33.51 21.32 -28.34
CA LYS E 168 32.46 22.21 -27.84
C LYS E 168 31.24 21.36 -27.51
N ASP E 169 31.46 20.06 -27.34
CA ASP E 169 30.43 19.14 -26.86
C ASP E 169 30.48 19.08 -25.34
N TRP E 170 29.43 18.53 -24.74
CA TRP E 170 29.30 18.53 -23.29
C TRP E 170 29.31 17.12 -22.74
N TYR E 171 29.86 16.96 -21.55
CA TYR E 171 29.96 15.64 -20.94
C TYR E 171 29.58 15.62 -19.47
N HIS E 172 28.88 14.57 -19.06
CA HIS E 172 28.73 14.29 -17.64
C HIS E 172 30.12 13.88 -17.15
N PRO E 173 30.52 14.38 -15.97
CA PRO E 173 31.81 14.01 -15.41
C PRO E 173 31.93 12.52 -15.13
N ALA E 174 30.83 11.90 -14.71
CA ALA E 174 30.80 10.46 -14.45
C ALA E 174 31.18 9.68 -15.71
N CYS E 175 30.73 10.16 -16.86
CA CYS E 175 30.94 9.49 -18.13
C CYS E 175 32.38 9.64 -18.64
N VAL E 176 33.05 10.71 -18.23
CA VAL E 176 34.47 10.87 -18.54
C VAL E 176 35.27 10.49 -17.29
N GLY E 177 34.63 9.75 -16.40
CA GLY E 177 35.29 9.13 -15.27
C GLY E 177 35.99 10.05 -14.30
N MET E 178 35.42 11.24 -14.07
CA MET E 178 35.86 12.09 -12.97
C MET E 178 34.68 12.47 -12.10
N THR E 179 34.97 12.89 -10.87
CA THR E 179 33.92 13.31 -9.96
C THR E 179 33.50 14.74 -10.30
N ILE E 180 32.27 15.09 -9.90
CA ILE E 180 31.66 16.38 -10.24
C ILE E 180 32.50 17.59 -9.83
N GLU E 181 32.86 17.63 -8.55
CA GLU E 181 33.62 18.73 -7.96
C GLU E 181 34.95 18.95 -8.68
N GLU E 182 35.61 17.85 -9.03
CA GLU E 182 36.88 17.92 -9.74
C GLU E 182 36.67 18.40 -11.17
N ALA E 183 35.53 18.04 -11.76
CA ALA E 183 35.16 18.56 -13.07
C ALA E 183 34.96 20.07 -12.99
N LYS E 184 34.51 20.54 -11.84
CA LYS E 184 34.43 21.99 -11.62
C LYS E 184 35.83 22.58 -11.46
N LYS E 185 36.70 21.85 -10.78
CA LYS E 185 38.02 22.36 -10.40
C LYS E 185 38.93 22.62 -11.60
N LEU E 186 38.76 21.84 -12.66
CA LEU E 186 39.66 21.90 -13.82
C LEU E 186 39.64 23.30 -14.43
N ASP E 187 40.81 23.80 -14.81
CA ASP E 187 40.88 25.10 -15.46
C ASP E 187 40.64 24.92 -16.95
N HIS E 188 41.18 23.84 -17.50
CA HIS E 188 41.04 23.53 -18.93
C HIS E 188 40.66 22.08 -19.15
N PHE E 189 39.44 21.85 -19.60
CA PHE E 189 39.01 20.49 -19.93
C PHE E 189 38.99 20.25 -21.44
N VAL E 190 39.65 19.19 -21.86
CA VAL E 190 39.68 18.79 -23.26
C VAL E 190 39.32 17.31 -23.37
N CYS E 191 38.57 16.95 -24.41
CA CYS E 191 38.17 15.55 -24.63
C CYS E 191 39.30 14.55 -24.64
N ALA E 192 38.95 13.31 -24.35
CA ALA E 192 39.82 12.21 -24.65
C ALA E 192 40.15 12.26 -26.13
N GLU E 193 39.11 12.15 -26.94
CA GLU E 193 39.30 11.98 -28.36
C GLU E 193 40.04 13.18 -28.88
N CYS E 194 39.72 14.34 -28.34
CA CYS E 194 40.29 15.55 -28.87
C CYS E 194 41.81 15.56 -28.73
N SER E 195 42.31 15.05 -27.62
CA SER E 195 43.76 14.95 -27.45
C SER E 195 44.38 13.74 -28.15
N SER E 196 45.69 13.80 -28.34
CA SER E 196 46.49 12.62 -28.66
C SER E 196 46.62 12.10 -30.09
N ASP E 197 46.24 12.89 -31.09
CA ASP E 197 46.43 12.45 -32.47
C ASP E 197 45.57 11.24 -32.75
N ALA F 1 36.95 25.30 -16.33
CA ALA F 1 36.01 24.30 -16.82
C ALA F 1 34.61 24.87 -16.90
N ARG F 2 34.12 25.05 -18.12
CA ARG F 2 32.76 25.52 -18.30
C ARG F 2 31.76 24.42 -17.95
N THR F 3 30.92 24.71 -16.97
CA THR F 3 29.91 23.76 -16.53
C THR F 3 28.53 24.38 -16.61
N GLN F 5 24.30 23.63 -15.17
CA GLN F 5 23.36 23.07 -14.19
C GLN F 5 22.50 24.10 -13.51
N THR F 6 21.26 23.70 -13.27
CA THR F 6 20.25 24.56 -12.67
C THR F 6 19.85 24.04 -11.30
N ALA F 7 19.91 24.92 -10.29
CA ALA F 7 19.54 24.55 -8.94
C ALA F 7 19.19 25.79 -8.11
#